data_2HBL
#
_entry.id   2HBL
#
_cell.length_a   110.846
_cell.length_b   110.846
_cell.length_c   79.873
_cell.angle_alpha   90.00
_cell.angle_beta   90.00
_cell.angle_gamma   120.00
#
_symmetry.space_group_name_H-M   'P 31 2 1'
#
loop_
_entity.id
_entity.type
_entity.pdbx_description
1 polymer 'Exosome complex exonuclease RRP6'
2 non-polymer 'ZINC ION'
3 non-polymer 'MANGANESE (II) ION'
4 non-polymer 'ADENOSINE MONOPHOSPHATE'
5 water water
#
_entity_poly.entity_id   1
_entity_poly.type   'polypeptide(L)'
_entity_poly.pdbx_seq_one_letter_code
;GMVEKPQLKFKSPIDNSESHPFIPLLKEKPNALKPLSESLRLVDDDENNPSHYPHPYEYEIDHQEYSPEILQIREEIPSK
SWDDSVPIWVDTSTELESMLEDLKNTKEIAVDLEHHDYRSYYGIVCLMQISTRERDYLVDTLKLRENLHILNEVFTNPSI
VKVFHGAFMDIIWLQRDLGLYVVGLFDTYHASKAIGLPRHSLAYLLENFANFKTSKKYQLADWRIRPLSKPMTAAARADT
HFLLNIYDQLRNKLIESNKLAGVLYESRNVAKRRFEYSKYRPLTPSSEVYSPIEKESPWKILMYQYNIPPEREVLVRELY
QWRDLIARRDDESPRFVMPNQLLAALVAYTPTDVIGVVSLTNGVTEHVRQNAKLLANLIRDALRNIKNTNEEATPIPSSE
TKADGILLET
;
_entity_poly.pdbx_strand_id   A
#
# COMPACT_ATOMS: atom_id res chain seq x y z
N GLY A 1 -2.81 4.10 -23.96
CA GLY A 1 -3.65 5.29 -23.66
C GLY A 1 -4.69 4.98 -22.60
N MET A 2 -5.55 3.99 -22.90
CA MET A 2 -6.61 3.59 -21.97
C MET A 2 -6.07 2.70 -20.84
N VAL A 3 -5.00 1.96 -21.12
CA VAL A 3 -4.39 1.06 -20.15
C VAL A 3 -5.37 0.00 -19.69
N GLU A 4 -5.25 -1.19 -20.28
CA GLU A 4 -6.11 -2.31 -19.93
C GLU A 4 -5.86 -2.67 -18.46
N LYS A 5 -6.94 -2.92 -17.72
CA LYS A 5 -6.82 -3.25 -16.31
C LYS A 5 -6.00 -4.53 -16.12
N PRO A 6 -4.84 -4.42 -15.46
CA PRO A 6 -3.97 -5.58 -15.23
C PRO A 6 -4.57 -6.71 -14.38
N GLN A 7 -5.60 -6.42 -13.61
CA GLN A 7 -6.22 -7.47 -12.80
C GLN A 7 -6.68 -8.61 -13.71
N LEU A 8 -7.30 -8.24 -14.83
CA LEU A 8 -7.80 -9.21 -15.78
C LEU A 8 -6.82 -10.33 -16.08
N LYS A 9 -5.53 -10.03 -15.99
CA LYS A 9 -4.52 -11.03 -16.31
C LYS A 9 -3.98 -11.81 -15.11
N PHE A 10 -4.47 -11.51 -13.92
CA PHE A 10 -4.00 -12.23 -12.74
C PHE A 10 -4.40 -13.70 -12.83
N LYS A 11 -3.57 -14.57 -12.29
CA LYS A 11 -3.84 -16.01 -12.30
C LYS A 11 -4.97 -16.29 -11.33
N SER A 12 -4.99 -15.54 -10.23
CA SER A 12 -6.02 -15.70 -9.21
C SER A 12 -6.89 -14.45 -9.22
N PRO A 13 -8.19 -14.60 -9.56
CA PRO A 13 -9.15 -13.50 -9.62
C PRO A 13 -9.35 -12.81 -8.27
N ILE A 14 -9.48 -11.49 -8.30
CA ILE A 14 -9.68 -10.71 -7.08
C ILE A 14 -11.03 -10.98 -6.45
N ASP A 15 -11.13 -10.76 -5.14
CA ASP A 15 -12.37 -10.97 -4.42
C ASP A 15 -12.62 -9.83 -3.45
N ASN A 16 -13.61 -9.00 -3.76
CA ASN A 16 -13.94 -7.87 -2.92
C ASN A 16 -15.18 -8.14 -2.08
N SER A 17 -15.72 -9.36 -2.18
CA SER A 17 -16.91 -9.74 -1.43
C SER A 17 -16.68 -9.52 0.06
N GLU A 18 -15.48 -9.88 0.53
CA GLU A 18 -15.12 -9.72 1.93
C GLU A 18 -15.98 -10.62 2.83
N SER A 19 -16.12 -11.88 2.41
CA SER A 19 -16.93 -12.85 3.14
C SER A 19 -16.22 -13.50 4.32
N HIS A 20 -14.98 -13.11 4.58
CA HIS A 20 -14.21 -13.65 5.69
C HIS A 20 -13.03 -12.74 5.99
N PRO A 21 -12.36 -12.96 7.13
CA PRO A 21 -11.20 -12.12 7.49
C PRO A 21 -10.08 -12.37 6.49
N PHE A 22 -9.16 -11.43 6.38
CA PHE A 22 -8.04 -11.58 5.46
C PHE A 22 -7.28 -12.88 5.72
N ILE A 23 -6.95 -13.60 4.65
CA ILE A 23 -6.21 -14.85 4.78
C ILE A 23 -4.83 -14.70 4.15
N PRO A 24 -3.76 -14.87 4.94
CA PRO A 24 -2.40 -14.74 4.40
C PRO A 24 -2.19 -15.65 3.20
N LEU A 25 -1.57 -15.10 2.15
CA LEU A 25 -1.32 -15.83 0.91
C LEU A 25 -0.09 -16.73 1.01
N LEU A 26 0.53 -16.72 2.18
CA LEU A 26 1.73 -17.51 2.45
C LEU A 26 1.51 -19.02 2.45
N LYS A 27 2.31 -19.75 1.67
CA LYS A 27 2.21 -21.20 1.62
C LYS A 27 3.45 -21.86 2.20
N GLU A 28 4.59 -21.16 2.09
CA GLU A 28 5.86 -21.66 2.62
C GLU A 28 6.36 -20.61 3.62
N LYS A 29 7.10 -21.04 4.64
CA LYS A 29 7.60 -20.10 5.62
C LYS A 29 9.05 -20.38 6.01
N PRO A 30 10.00 -19.80 5.26
CA PRO A 30 11.44 -19.97 5.52
C PRO A 30 11.89 -19.13 6.71
N ASN A 31 13.08 -19.42 7.21
CA ASN A 31 13.64 -18.68 8.34
C ASN A 31 12.62 -18.72 9.48
N ALA A 32 11.96 -19.86 9.61
CA ALA A 32 10.92 -20.04 10.63
C ALA A 32 11.44 -20.49 11.99
N LEU A 33 10.80 -19.99 13.03
CA LEU A 33 11.13 -20.35 14.40
C LEU A 33 9.91 -21.12 14.91
N LYS A 34 8.76 -20.76 14.36
CA LYS A 34 7.49 -21.38 14.70
C LYS A 34 6.86 -21.90 13.41
N PRO A 35 6.56 -23.20 13.37
CA PRO A 35 5.95 -23.82 12.19
C PRO A 35 4.80 -23.02 11.59
N LEU A 36 4.60 -23.16 10.29
CA LEU A 36 3.52 -22.46 9.61
C LEU A 36 2.19 -22.99 10.10
N SER A 37 2.24 -24.14 10.77
CA SER A 37 1.06 -24.78 11.31
C SER A 37 0.34 -23.86 12.29
N GLU A 38 1.01 -23.55 13.41
CA GLU A 38 0.44 -22.67 14.42
C GLU A 38 0.07 -21.30 13.87
N SER A 39 0.55 -21.01 12.66
CA SER A 39 0.29 -19.72 12.03
C SER A 39 -1.13 -19.58 11.48
N LEU A 40 -1.46 -20.39 10.48
CA LEU A 40 -2.79 -20.34 9.88
C LEU A 40 -3.84 -20.97 10.79
N ARG A 41 -4.44 -20.16 11.66
CA ARG A 41 -5.47 -20.65 12.56
C ARG A 41 -6.62 -19.65 12.66
N LEU A 42 -6.66 -18.86 13.73
CA LEU A 42 -7.71 -17.87 13.93
C LEU A 42 -7.73 -17.42 15.38
N VAL A 43 -8.13 -16.17 15.59
CA VAL A 43 -8.22 -15.60 16.93
C VAL A 43 -9.67 -15.19 17.16
N ASP A 44 -10.50 -16.17 17.52
CA ASP A 44 -11.92 -15.94 17.74
C ASP A 44 -12.29 -14.62 18.38
N ASP A 45 -13.54 -14.21 18.14
CA ASP A 45 -14.10 -12.97 18.62
C ASP A 45 -13.64 -12.50 20.00
N ASP A 46 -13.81 -11.21 20.22
CA ASP A 46 -13.44 -10.54 21.46
C ASP A 46 -13.91 -9.10 21.34
N GLU A 47 -14.14 -8.45 22.46
CA GLU A 47 -14.59 -7.06 22.46
C GLU A 47 -13.67 -6.18 21.62
N ASN A 48 -12.37 -6.25 21.89
CA ASN A 48 -11.38 -5.45 21.18
C ASN A 48 -11.36 -5.70 19.67
N ASN A 49 -11.20 -6.96 19.29
CA ASN A 49 -11.16 -7.30 17.86
C ASN A 49 -11.80 -8.65 17.54
N PRO A 50 -12.65 -8.70 16.51
CA PRO A 50 -13.35 -9.91 16.07
C PRO A 50 -12.41 -10.94 15.43
N SER A 51 -12.88 -12.18 15.36
CA SER A 51 -12.12 -13.27 14.77
C SER A 51 -11.25 -12.81 13.60
N HIS A 52 -9.99 -13.25 13.59
CA HIS A 52 -9.06 -12.90 12.52
C HIS A 52 -7.84 -13.81 12.54
N TYR A 53 -7.06 -13.75 11.46
CA TYR A 53 -5.83 -14.54 11.36
C TYR A 53 -4.71 -13.63 11.86
N PRO A 54 -3.70 -14.20 12.53
CA PRO A 54 -2.60 -13.37 13.03
C PRO A 54 -1.46 -13.23 12.02
N HIS A 55 -0.52 -12.35 12.32
CA HIS A 55 0.64 -12.13 11.45
C HIS A 55 1.55 -13.36 11.55
N PRO A 56 1.74 -14.08 10.43
CA PRO A 56 2.55 -15.30 10.27
C PRO A 56 4.02 -15.24 10.71
N TYR A 57 4.56 -14.04 10.88
CA TYR A 57 5.97 -13.90 11.25
C TYR A 57 6.13 -13.04 12.50
N GLU A 58 5.03 -12.86 13.23
CA GLU A 58 5.04 -12.06 14.45
C GLU A 58 6.06 -12.60 15.46
N TYR A 59 6.13 -13.92 15.57
CA TYR A 59 7.05 -14.54 16.50
C TYR A 59 8.50 -14.22 16.17
N GLU A 60 8.95 -14.61 14.98
CA GLU A 60 10.33 -14.36 14.59
C GLU A 60 10.69 -12.88 14.64
N ILE A 61 9.76 -12.01 14.31
CA ILE A 61 10.06 -10.58 14.37
C ILE A 61 10.42 -10.18 15.81
N ASP A 62 9.85 -10.90 16.80
CA ASP A 62 10.13 -10.61 18.20
C ASP A 62 11.36 -11.37 18.72
N HIS A 63 11.56 -12.59 18.22
CA HIS A 63 12.67 -13.42 18.67
C HIS A 63 13.93 -13.43 17.80
N GLN A 64 13.79 -13.49 16.48
CA GLN A 64 14.95 -13.49 15.60
C GLN A 64 15.94 -12.40 15.99
N GLU A 65 17.19 -12.79 16.25
CA GLU A 65 18.22 -11.83 16.62
C GLU A 65 18.69 -11.03 15.41
N TYR A 66 19.18 -9.83 15.66
CA TYR A 66 19.67 -8.96 14.60
C TYR A 66 21.11 -9.30 14.22
N SER A 67 21.48 -9.05 12.97
CA SER A 67 22.84 -9.30 12.52
C SER A 67 23.77 -8.34 13.25
N PRO A 68 24.77 -8.88 13.97
CA PRO A 68 25.76 -8.11 14.75
C PRO A 68 26.39 -6.90 14.06
N GLU A 69 26.49 -6.94 12.74
CA GLU A 69 27.09 -5.83 12.00
C GLU A 69 26.10 -4.67 11.82
N ILE A 70 25.03 -4.68 12.60
CA ILE A 70 24.02 -3.63 12.56
C ILE A 70 24.22 -2.82 13.83
N LEU A 71 24.80 -3.47 14.83
CA LEU A 71 25.07 -2.84 16.12
C LEU A 71 26.47 -2.24 16.15
N GLN A 72 27.18 -2.36 15.04
CA GLN A 72 28.56 -1.85 14.96
C GLN A 72 28.67 -0.61 14.06
N ILE A 73 29.46 0.37 14.51
CA ILE A 73 29.67 1.55 13.69
C ILE A 73 30.66 1.10 12.62
N ARG A 74 30.23 1.10 11.36
CA ARG A 74 31.08 0.67 10.27
C ARG A 74 31.34 1.77 9.26
N GLU A 75 32.42 1.60 8.50
CA GLU A 75 32.78 2.55 7.47
C GLU A 75 31.61 2.52 6.49
N GLU A 76 31.10 3.69 6.12
CA GLU A 76 29.97 3.76 5.21
C GLU A 76 30.40 3.49 3.78
N ILE A 77 29.50 2.93 2.97
CA ILE A 77 29.79 2.64 1.58
C ILE A 77 29.02 3.61 0.67
N PRO A 78 29.76 4.38 -0.14
CA PRO A 78 29.08 5.35 -1.02
C PRO A 78 28.17 4.64 -2.02
N SER A 79 27.11 5.33 -2.46
CA SER A 79 26.20 4.76 -3.44
C SER A 79 27.03 4.60 -4.71
N LYS A 80 26.66 3.65 -5.56
CA LYS A 80 27.36 3.43 -6.81
C LYS A 80 27.01 4.53 -7.78
N SER A 81 27.97 4.88 -8.64
CA SER A 81 27.76 5.91 -9.66
C SER A 81 26.51 5.56 -10.46
N TRP A 82 25.56 6.48 -10.52
CA TRP A 82 24.31 6.27 -11.23
C TRP A 82 24.55 5.80 -12.67
N ASP A 83 25.49 6.48 -13.35
CA ASP A 83 25.81 6.17 -14.74
C ASP A 83 26.59 4.87 -14.98
N ASP A 84 27.24 4.33 -13.95
CA ASP A 84 27.99 3.08 -14.10
C ASP A 84 27.14 1.82 -14.35
N SER A 85 25.81 1.93 -14.26
CA SER A 85 24.93 0.78 -14.49
C SER A 85 23.50 1.18 -14.83
N VAL A 86 22.75 0.25 -15.40
CA VAL A 86 21.36 0.51 -15.74
C VAL A 86 20.51 -0.26 -14.73
N PRO A 87 19.29 0.20 -14.47
CA PRO A 87 18.48 -0.55 -13.52
C PRO A 87 18.14 -1.86 -14.21
N ILE A 88 18.11 -2.95 -13.43
CA ILE A 88 17.80 -4.26 -13.98
C ILE A 88 16.29 -4.53 -13.93
N TRP A 89 15.67 -4.64 -15.09
CA TRP A 89 14.23 -4.87 -15.16
C TRP A 89 13.94 -6.36 -14.92
N VAL A 90 13.01 -6.67 -14.03
CA VAL A 90 12.68 -8.06 -13.72
C VAL A 90 11.19 -8.35 -13.88
N ASP A 91 10.84 -9.12 -14.90
CA ASP A 91 9.44 -9.48 -15.15
C ASP A 91 9.28 -10.92 -15.62
N THR A 92 10.27 -11.76 -15.33
CA THR A 92 10.24 -13.16 -15.71
C THR A 92 10.59 -14.00 -14.48
N SER A 93 10.13 -15.24 -14.44
CA SER A 93 10.43 -16.11 -13.32
C SER A 93 11.92 -16.44 -13.27
N THR A 94 12.56 -16.46 -14.44
CA THR A 94 13.98 -16.77 -14.52
C THR A 94 14.80 -15.56 -14.06
N GLU A 95 14.42 -14.38 -14.53
CA GLU A 95 15.11 -13.16 -14.12
C GLU A 95 14.93 -13.02 -12.62
N LEU A 96 13.73 -13.34 -12.14
CA LEU A 96 13.43 -13.26 -10.70
C LEU A 96 14.26 -14.26 -9.91
N GLU A 97 14.51 -15.42 -10.49
CA GLU A 97 15.29 -16.43 -9.80
C GLU A 97 16.74 -15.99 -9.66
N SER A 98 17.28 -15.35 -10.69
CA SER A 98 18.67 -14.91 -10.63
C SER A 98 18.84 -13.75 -9.64
N MET A 99 17.88 -12.84 -9.60
CA MET A 99 17.96 -11.72 -8.67
C MET A 99 17.96 -12.28 -7.26
N LEU A 100 17.09 -13.25 -7.02
CA LEU A 100 16.99 -13.88 -5.69
C LEU A 100 18.33 -14.47 -5.28
N GLU A 101 18.98 -15.15 -6.21
CA GLU A 101 20.27 -15.77 -5.96
C GLU A 101 21.25 -14.69 -5.53
N ASP A 102 21.16 -13.55 -6.19
CA ASP A 102 22.00 -12.41 -5.94
C ASP A 102 21.73 -11.76 -4.59
N LEU A 103 20.45 -11.64 -4.23
CA LEU A 103 20.07 -11.01 -2.98
C LEU A 103 20.51 -11.86 -1.79
N LYS A 104 20.60 -13.18 -1.98
CA LYS A 104 21.00 -14.06 -0.89
C LYS A 104 22.45 -13.81 -0.47
N ASN A 105 23.22 -13.18 -1.35
CA ASN A 105 24.62 -12.86 -1.06
C ASN A 105 24.82 -11.41 -0.63
N THR A 106 23.95 -10.91 0.24
CA THR A 106 24.10 -9.53 0.72
C THR A 106 23.97 -9.45 2.22
N LYS A 107 24.36 -8.31 2.76
CA LYS A 107 24.27 -8.09 4.19
C LYS A 107 23.08 -7.17 4.41
N GLU A 108 22.72 -6.43 3.36
CA GLU A 108 21.58 -5.52 3.42
C GLU A 108 21.11 -5.12 2.01
N ILE A 109 19.84 -4.76 1.92
CA ILE A 109 19.26 -4.32 0.65
C ILE A 109 18.27 -3.18 0.95
N ALA A 110 18.03 -2.34 -0.04
CA ALA A 110 17.07 -1.24 0.11
C ALA A 110 15.86 -1.63 -0.73
N VAL A 111 14.66 -1.43 -0.19
CA VAL A 111 13.45 -1.79 -0.90
C VAL A 111 12.43 -0.66 -0.88
N ASP A 112 11.63 -0.60 -1.93
CA ASP A 112 10.56 0.37 -2.06
C ASP A 112 9.48 -0.22 -2.98
N LEU A 113 8.32 0.41 -3.01
CA LEU A 113 7.21 -0.05 -3.85
C LEU A 113 6.40 1.12 -4.42
N GLU A 114 5.77 0.87 -5.56
CA GLU A 114 4.89 1.87 -6.17
C GLU A 114 3.51 1.21 -6.21
N HIS A 115 2.48 1.99 -5.90
CA HIS A 115 1.11 1.48 -5.79
C HIS A 115 0.08 2.21 -6.67
N HIS A 116 -1.06 1.56 -6.94
CA HIS A 116 -2.14 2.16 -7.74
C HIS A 116 -3.48 1.90 -7.07
N ASP A 117 -4.32 2.92 -6.97
CA ASP A 117 -5.61 2.74 -6.30
C ASP A 117 -6.81 3.38 -7.00
N TYR A 118 -6.59 3.94 -8.18
CA TYR A 118 -7.71 4.57 -8.89
C TYR A 118 -8.58 3.54 -9.59
N ARG A 119 -7.96 2.59 -10.28
CA ARG A 119 -8.69 1.56 -11.00
C ARG A 119 -8.63 0.18 -10.33
N SER A 120 -8.90 0.15 -9.04
CA SER A 120 -8.88 -1.08 -8.23
C SER A 120 -9.61 -0.75 -6.95
N TYR A 121 -10.27 -1.73 -6.34
CA TYR A 121 -11.01 -1.46 -5.11
C TYR A 121 -10.10 -1.31 -3.87
N TYR A 122 -9.31 -2.32 -3.56
CA TYR A 122 -8.39 -2.25 -2.43
C TYR A 122 -7.08 -1.60 -2.87
N GLY A 123 -6.71 -1.83 -4.13
CA GLY A 123 -5.49 -1.29 -4.66
C GLY A 123 -4.56 -2.39 -5.10
N ILE A 124 -3.55 -2.05 -5.89
CA ILE A 124 -2.59 -3.02 -6.38
C ILE A 124 -1.17 -2.48 -6.42
N VAL A 125 -0.22 -3.34 -6.04
CA VAL A 125 1.20 -2.98 -6.06
C VAL A 125 1.64 -3.13 -7.52
N CYS A 126 2.13 -2.04 -8.10
CA CYS A 126 2.54 -2.04 -9.50
C CYS A 126 4.03 -2.20 -9.76
N LEU A 127 4.84 -1.88 -8.76
CA LEU A 127 6.28 -1.98 -8.91
C LEU A 127 6.98 -2.16 -7.56
N MET A 128 8.12 -2.84 -7.60
CA MET A 128 8.95 -3.05 -6.42
C MET A 128 10.40 -2.71 -6.80
N GLN A 129 11.04 -1.88 -5.99
CA GLN A 129 12.42 -1.48 -6.26
C GLN A 129 13.35 -2.04 -5.20
N ILE A 130 14.39 -2.73 -5.63
CA ILE A 130 15.34 -3.33 -4.71
C ILE A 130 16.79 -3.04 -5.06
N SER A 131 17.51 -2.40 -4.14
CA SER A 131 18.92 -2.10 -4.38
C SER A 131 19.92 -2.82 -3.47
N THR A 132 20.99 -3.28 -4.09
CA THR A 132 22.10 -3.91 -3.38
C THR A 132 23.16 -2.82 -3.43
N ARG A 133 24.30 -3.07 -2.81
CA ARG A 133 25.39 -2.11 -2.82
C ARG A 133 25.83 -1.93 -4.27
N GLU A 134 25.70 -2.99 -5.07
CA GLU A 134 26.14 -2.97 -6.46
C GLU A 134 25.15 -2.56 -7.54
N ARG A 135 23.91 -3.05 -7.47
CA ARG A 135 22.92 -2.73 -8.52
C ARG A 135 21.50 -2.39 -8.04
N ASP A 136 20.72 -1.83 -8.96
CA ASP A 136 19.34 -1.47 -8.70
C ASP A 136 18.41 -2.36 -9.53
N TYR A 137 17.44 -2.98 -8.85
CA TYR A 137 16.48 -3.84 -9.53
C TYR A 137 15.11 -3.19 -9.57
N LEU A 138 14.42 -3.37 -10.69
CA LEU A 138 13.05 -2.88 -10.86
C LEU A 138 12.21 -4.11 -11.15
N VAL A 139 11.29 -4.44 -10.25
CA VAL A 139 10.45 -5.62 -10.38
C VAL A 139 9.00 -5.36 -10.78
N ASP A 140 8.55 -6.00 -11.85
CA ASP A 140 7.17 -5.86 -12.31
C ASP A 140 6.33 -6.73 -11.40
N THR A 141 5.67 -6.11 -10.42
CA THR A 141 4.85 -6.85 -9.46
C THR A 141 3.49 -7.22 -10.03
N LEU A 142 3.16 -6.69 -11.20
CA LEU A 142 1.90 -7.02 -11.83
C LEU A 142 2.08 -8.38 -12.49
N LYS A 143 3.08 -8.49 -13.35
CA LYS A 143 3.35 -9.75 -14.06
C LYS A 143 3.89 -10.89 -13.20
N LEU A 144 4.50 -10.58 -12.06
CA LEU A 144 5.04 -11.63 -11.22
C LEU A 144 4.35 -11.67 -9.86
N ARG A 145 3.10 -11.23 -9.83
CA ARG A 145 2.29 -11.18 -8.62
C ARG A 145 2.26 -12.51 -7.86
N GLU A 146 2.05 -13.60 -8.58
CA GLU A 146 1.97 -14.92 -7.96
C GLU A 146 3.31 -15.57 -7.66
N ASN A 147 4.39 -15.03 -8.24
CA ASN A 147 5.71 -15.63 -8.05
C ASN A 147 6.57 -15.00 -6.96
N LEU A 148 6.38 -13.70 -6.73
CA LEU A 148 7.17 -12.97 -5.76
C LEU A 148 7.28 -13.52 -4.35
N HIS A 149 6.44 -14.48 -3.99
CA HIS A 149 6.49 -15.03 -2.64
C HIS A 149 7.86 -15.64 -2.29
N ILE A 150 8.62 -16.04 -3.31
CA ILE A 150 9.93 -16.65 -3.06
C ILE A 150 10.95 -15.70 -2.45
N LEU A 151 10.65 -14.41 -2.47
CA LEU A 151 11.56 -13.43 -1.89
C LEU A 151 11.55 -13.48 -0.37
N ASN A 152 10.58 -14.18 0.19
CA ASN A 152 10.49 -14.31 1.65
C ASN A 152 11.77 -14.90 2.20
N GLU A 153 12.43 -15.73 1.39
CA GLU A 153 13.66 -16.36 1.81
C GLU A 153 14.69 -15.31 2.26
N VAL A 154 14.63 -14.13 1.64
CA VAL A 154 15.54 -13.05 1.98
C VAL A 154 14.86 -11.99 2.83
N PHE A 155 13.61 -11.65 2.48
CA PHE A 155 12.89 -10.64 3.23
C PHE A 155 12.65 -11.03 4.69
N THR A 156 12.69 -12.34 5.00
CA THR A 156 12.50 -12.77 6.39
C THR A 156 13.79 -13.36 6.99
N ASN A 157 14.89 -13.24 6.26
CA ASN A 157 16.17 -13.69 6.76
C ASN A 157 16.70 -12.56 7.66
N PRO A 158 16.73 -12.78 8.98
CA PRO A 158 17.20 -11.75 9.91
C PRO A 158 18.67 -11.35 9.74
N SER A 159 19.41 -12.16 8.98
CA SER A 159 20.83 -11.90 8.75
C SER A 159 21.06 -10.85 7.67
N ILE A 160 19.98 -10.45 7.00
CA ILE A 160 20.06 -9.45 5.96
C ILE A 160 19.18 -8.26 6.34
N VAL A 161 19.76 -7.08 6.40
CA VAL A 161 18.96 -5.93 6.74
C VAL A 161 18.16 -5.49 5.51
N LYS A 162 16.90 -5.13 5.72
CA LYS A 162 16.05 -4.61 4.65
C LYS A 162 15.75 -3.17 5.02
N VAL A 163 16.24 -2.23 4.23
CA VAL A 163 16.03 -0.82 4.49
C VAL A 163 14.89 -0.20 3.69
N PHE A 164 13.92 0.39 4.40
CA PHE A 164 12.77 1.04 3.79
C PHE A 164 12.65 2.42 4.44
N HIS A 165 12.06 3.36 3.72
CA HIS A 165 11.80 4.66 4.30
C HIS A 165 10.28 4.79 4.51
N GLY A 166 9.85 4.77 5.77
CA GLY A 166 8.44 4.89 6.09
C GLY A 166 7.65 3.76 5.45
N ALA A 167 7.93 2.55 5.94
CA ALA A 167 7.31 1.34 5.40
C ALA A 167 5.94 0.98 5.97
N PHE A 168 5.33 1.87 6.74
CA PHE A 168 4.02 1.53 7.33
C PHE A 168 2.99 0.96 6.36
N MET A 169 2.92 1.53 5.15
CA MET A 169 1.97 1.00 4.18
C MET A 169 2.58 -0.12 3.32
N ASP A 170 3.89 -0.06 3.11
CA ASP A 170 4.57 -1.09 2.31
C ASP A 170 4.35 -2.46 2.90
N ILE A 171 4.48 -2.55 4.22
CA ILE A 171 4.29 -3.79 4.95
C ILE A 171 2.89 -4.33 4.66
N ILE A 172 1.92 -3.43 4.69
CA ILE A 172 0.53 -3.79 4.43
C ILE A 172 0.42 -4.30 3.00
N TRP A 173 0.88 -3.48 2.05
CA TRP A 173 0.82 -3.87 0.64
C TRP A 173 1.54 -5.19 0.33
N LEU A 174 2.71 -5.39 0.91
CA LEU A 174 3.47 -6.63 0.66
C LEU A 174 2.69 -7.92 0.99
N GLN A 175 1.99 -7.94 2.12
CA GLN A 175 1.25 -9.15 2.48
C GLN A 175 -0.05 -9.26 1.70
N ARG A 176 -0.81 -8.17 1.65
CA ARG A 176 -2.07 -8.16 0.93
C ARG A 176 -1.98 -8.64 -0.52
N ASP A 177 -0.93 -8.28 -1.24
CA ASP A 177 -0.81 -8.66 -2.64
C ASP A 177 0.21 -9.72 -3.02
N LEU A 178 1.27 -9.84 -2.23
CA LEU A 178 2.34 -10.77 -2.59
C LEU A 178 2.68 -11.79 -1.52
N GLY A 179 1.98 -11.74 -0.40
CA GLY A 179 2.28 -12.68 0.66
C GLY A 179 3.74 -12.60 1.07
N LEU A 180 4.27 -11.38 1.13
CA LEU A 180 5.64 -11.18 1.54
C LEU A 180 5.68 -10.52 2.90
N TYR A 181 6.66 -10.91 3.71
CA TYR A 181 6.81 -10.36 5.04
C TYR A 181 8.24 -9.92 5.27
N VAL A 182 8.44 -9.10 6.30
CA VAL A 182 9.76 -8.59 6.58
C VAL A 182 10.23 -8.81 8.01
N VAL A 183 11.41 -9.42 8.13
CA VAL A 183 12.03 -9.67 9.42
C VAL A 183 13.46 -9.15 9.23
N GLY A 184 13.82 -8.12 10.00
CA GLY A 184 15.14 -7.51 9.89
C GLY A 184 15.04 -6.14 9.23
N LEU A 185 13.97 -5.43 9.56
CA LEU A 185 13.70 -4.10 9.02
C LEU A 185 14.43 -2.96 9.70
N PHE A 186 14.79 -1.95 8.90
CA PHE A 186 15.42 -0.74 9.42
C PHE A 186 14.67 0.39 8.70
N ASP A 187 13.87 1.15 9.44
CA ASP A 187 13.09 2.23 8.83
C ASP A 187 13.82 3.55 8.99
N THR A 188 14.21 4.15 7.87
CA THR A 188 14.96 5.40 7.89
C THR A 188 14.13 6.59 8.33
N TYR A 189 12.81 6.47 8.23
CA TYR A 189 11.91 7.52 8.69
C TYR A 189 12.03 7.57 10.23
N HIS A 190 11.93 6.41 10.87
CA HIS A 190 12.03 6.39 12.32
C HIS A 190 13.44 6.75 12.73
N ALA A 191 14.40 6.49 11.83
CA ALA A 191 15.79 6.83 12.13
C ALA A 191 15.96 8.35 12.12
N SER A 192 15.35 9.02 11.15
CA SER A 192 15.46 10.48 11.05
C SER A 192 14.82 11.16 12.26
N LYS A 193 13.70 10.63 12.71
CA LYS A 193 12.99 11.16 13.86
C LYS A 193 13.80 11.02 15.14
N ALA A 194 14.36 9.83 15.35
CA ALA A 194 15.15 9.59 16.55
C ALA A 194 16.33 10.56 16.64
N ILE A 195 17.01 10.78 15.52
CA ILE A 195 18.15 11.68 15.48
C ILE A 195 17.71 13.13 15.58
N GLY A 196 16.49 13.41 15.14
CA GLY A 196 15.98 14.76 15.22
C GLY A 196 16.31 15.68 14.06
N LEU A 197 16.39 15.15 12.84
CA LEU A 197 16.67 15.98 11.68
C LEU A 197 15.48 16.92 11.52
N PRO A 198 15.69 18.11 10.92
CA PRO A 198 14.60 19.07 10.74
C PRO A 198 13.38 18.52 9.98
N ARG A 199 13.62 17.68 8.98
CA ARG A 199 12.54 17.09 8.19
C ARG A 199 12.76 15.57 8.17
N HIS A 200 11.69 14.80 7.95
CA HIS A 200 11.78 13.34 7.99
C HIS A 200 11.39 12.58 6.73
N SER A 201 11.19 13.30 5.62
CA SER A 201 10.81 12.67 4.36
C SER A 201 12.00 12.06 3.61
N LEU A 202 11.70 11.22 2.64
CA LEU A 202 12.75 10.61 1.82
C LEU A 202 13.41 11.71 0.98
N ALA A 203 12.60 12.61 0.44
CA ALA A 203 13.09 13.70 -0.39
C ALA A 203 14.08 14.58 0.37
N TYR A 204 13.82 14.80 1.66
CA TYR A 204 14.71 15.61 2.48
C TYR A 204 16.05 14.91 2.60
N LEU A 205 16.01 13.61 2.82
CA LEU A 205 17.21 12.80 2.96
C LEU A 205 18.01 12.76 1.66
N LEU A 206 17.34 12.55 0.53
CA LEU A 206 18.03 12.49 -0.74
C LEU A 206 18.70 13.82 -1.10
N GLU A 207 18.03 14.93 -0.79
CA GLU A 207 18.61 16.22 -1.09
C GLU A 207 19.85 16.52 -0.26
N ASN A 208 19.79 16.19 1.03
CA ASN A 208 20.89 16.50 1.92
C ASN A 208 22.03 15.48 2.03
N PHE A 209 21.76 14.21 1.80
CA PHE A 209 22.82 13.21 1.90
C PHE A 209 23.26 12.66 0.54
N ALA A 210 22.46 12.86 -0.49
CA ALA A 210 22.84 12.34 -1.81
C ALA A 210 22.77 13.38 -2.91
N ASN A 211 22.49 14.63 -2.54
CA ASN A 211 22.36 15.71 -3.50
C ASN A 211 21.55 15.32 -4.72
N PHE A 212 20.31 14.92 -4.47
CA PHE A 212 19.39 14.51 -5.51
C PHE A 212 18.07 15.22 -5.25
N LYS A 213 17.67 16.12 -6.14
CA LYS A 213 16.39 16.80 -5.94
C LYS A 213 15.32 15.87 -6.49
N THR A 214 14.28 15.63 -5.70
CA THR A 214 13.21 14.75 -6.12
C THR A 214 12.05 15.52 -6.71
N SER A 215 11.13 14.82 -7.37
CA SER A 215 9.97 15.44 -7.98
C SER A 215 8.65 14.76 -7.58
N LYS A 216 7.76 15.53 -6.94
CA LYS A 216 6.47 15.01 -6.52
C LYS A 216 5.52 14.83 -7.71
N LYS A 217 6.11 14.73 -8.90
CA LYS A 217 5.33 14.58 -10.12
C LYS A 217 5.10 13.11 -10.51
N TYR A 218 5.16 12.21 -9.53
CA TYR A 218 4.96 10.79 -9.81
C TYR A 218 4.19 10.07 -8.71
N GLN A 219 3.85 10.80 -7.66
CA GLN A 219 3.11 10.24 -6.54
C GLN A 219 1.62 10.33 -6.90
N LEU A 220 1.38 10.65 -8.17
CA LEU A 220 0.03 10.77 -8.73
C LEU A 220 0.05 10.11 -10.12
N ALA A 221 1.20 9.56 -10.48
CA ALA A 221 1.37 8.89 -11.76
C ALA A 221 0.70 7.52 -11.78
N ASP A 222 0.51 6.96 -12.97
CA ASP A 222 -0.12 5.64 -13.14
C ASP A 222 0.97 4.60 -13.33
N TRP A 223 1.32 3.90 -12.26
CA TRP A 223 2.38 2.88 -12.32
C TRP A 223 2.00 1.57 -13.00
N ARG A 224 0.79 1.49 -13.54
CA ARG A 224 0.36 0.26 -14.19
C ARG A 224 0.89 0.19 -15.61
N ILE A 225 1.21 1.36 -16.16
CA ILE A 225 1.68 1.47 -17.53
C ILE A 225 2.98 0.76 -17.89
N ARG A 226 2.90 -0.07 -18.93
CA ARG A 226 4.06 -0.82 -19.45
C ARG A 226 4.22 -0.36 -20.89
N PRO A 227 5.44 -0.01 -21.31
CA PRO A 227 6.66 -0.03 -20.51
C PRO A 227 6.70 1.25 -19.67
N LEU A 228 7.62 1.31 -18.71
CA LEU A 228 7.73 2.50 -17.88
C LEU A 228 8.40 3.60 -18.69
N SER A 229 7.97 4.84 -18.46
CA SER A 229 8.57 5.97 -19.16
C SER A 229 9.96 6.20 -18.56
N LYS A 230 10.86 6.79 -19.34
CA LYS A 230 12.21 7.04 -18.88
C LYS A 230 12.19 7.77 -17.54
N PRO A 231 11.53 8.92 -17.47
CA PRO A 231 11.48 9.66 -16.20
C PRO A 231 10.89 8.89 -15.01
N MET A 232 9.94 8.00 -15.28
CA MET A 232 9.32 7.20 -14.21
C MET A 232 10.25 6.09 -13.77
N THR A 233 11.00 5.55 -14.72
CA THR A 233 11.95 4.49 -14.43
C THR A 233 13.05 5.06 -13.54
N ALA A 234 13.47 6.29 -13.84
CA ALA A 234 14.51 6.98 -13.09
C ALA A 234 14.06 7.33 -11.67
N ALA A 235 12.82 7.79 -11.54
CA ALA A 235 12.27 8.15 -10.25
C ALA A 235 12.12 6.94 -9.32
N ALA A 236 11.78 5.79 -9.89
CA ALA A 236 11.61 4.58 -9.09
C ALA A 236 12.96 4.07 -8.63
N ARG A 237 13.94 4.12 -9.54
CA ARG A 237 15.29 3.68 -9.23
C ARG A 237 15.89 4.53 -8.10
N ALA A 238 15.58 5.82 -8.12
CA ALA A 238 16.09 6.77 -7.14
C ALA A 238 15.60 6.55 -5.70
N ASP A 239 14.50 5.82 -5.54
CA ASP A 239 13.99 5.59 -4.19
C ASP A 239 14.83 4.61 -3.39
N THR A 240 15.58 3.74 -4.07
CA THR A 240 16.40 2.79 -3.34
C THR A 240 17.91 2.88 -3.64
N HIS A 241 18.27 3.52 -4.77
CA HIS A 241 19.67 3.65 -5.20
C HIS A 241 20.63 4.31 -4.18
N PHE A 242 20.10 5.29 -3.44
CA PHE A 242 20.89 6.03 -2.45
C PHE A 242 20.62 5.61 -1.01
N LEU A 243 19.61 4.77 -0.81
CA LEU A 243 19.20 4.37 0.53
C LEU A 243 20.18 3.62 1.43
N LEU A 244 20.97 2.71 0.88
CA LEU A 244 21.91 1.99 1.73
C LEU A 244 22.97 2.92 2.34
N ASN A 245 23.38 3.95 1.60
CA ASN A 245 24.37 4.87 2.13
C ASN A 245 23.77 5.76 3.22
N ILE A 246 22.49 6.10 3.03
CA ILE A 246 21.79 6.93 4.00
C ILE A 246 21.62 6.06 5.25
N TYR A 247 21.42 4.77 5.03
CA TYR A 247 21.29 3.79 6.10
C TYR A 247 22.58 3.80 6.96
N ASP A 248 23.75 3.75 6.31
CA ASP A 248 25.02 3.74 7.05
C ASP A 248 25.19 4.97 7.95
N GLN A 249 24.94 6.15 7.38
CA GLN A 249 25.10 7.37 8.14
C GLN A 249 24.14 7.51 9.30
N LEU A 250 22.91 7.05 9.11
CA LEU A 250 21.92 7.14 10.16
C LEU A 250 22.20 6.07 11.21
N ARG A 251 22.56 4.87 10.77
CA ARG A 251 22.85 3.78 11.71
C ARG A 251 23.99 4.22 12.63
N ASN A 252 25.09 4.69 12.04
CA ASN A 252 26.23 5.11 12.83
C ASN A 252 25.87 6.21 13.83
N LYS A 253 25.08 7.18 13.39
CA LYS A 253 24.69 8.27 14.28
C LYS A 253 23.81 7.76 15.41
N LEU A 254 23.01 6.74 15.14
CA LEU A 254 22.16 6.17 16.17
C LEU A 254 23.01 5.44 17.20
N ILE A 255 23.96 4.64 16.74
CA ILE A 255 24.83 3.90 17.65
C ILE A 255 25.61 4.90 18.49
N GLU A 256 26.13 5.92 17.81
CA GLU A 256 26.92 6.97 18.45
C GLU A 256 26.14 7.74 19.53
N SER A 257 24.82 7.74 19.46
CA SER A 257 24.02 8.46 20.44
C SER A 257 23.12 7.54 21.27
N ASN A 258 23.36 6.23 21.16
CA ASN A 258 22.61 5.23 21.92
C ASN A 258 21.09 5.19 21.66
N LYS A 259 20.66 5.49 20.44
CA LYS A 259 19.23 5.48 20.13
C LYS A 259 18.86 4.40 19.12
N LEU A 260 19.81 3.54 18.75
CA LEU A 260 19.54 2.50 17.76
C LEU A 260 18.45 1.52 18.20
N ALA A 261 18.58 1.01 19.42
CA ALA A 261 17.62 0.04 19.95
C ALA A 261 16.19 0.54 19.77
N GLY A 262 15.98 1.81 20.06
CA GLY A 262 14.64 2.36 19.91
C GLY A 262 14.17 2.32 18.46
N VAL A 263 15.07 2.60 17.52
CA VAL A 263 14.69 2.58 16.12
C VAL A 263 14.38 1.16 15.67
N LEU A 264 15.17 0.21 16.14
CA LEU A 264 14.94 -1.19 15.80
C LEU A 264 13.60 -1.62 16.42
N TYR A 265 13.29 -1.11 17.61
CA TYR A 265 12.02 -1.43 18.25
C TYR A 265 10.89 -0.89 17.36
N GLU A 266 10.97 0.39 17.01
CA GLU A 266 9.98 1.01 16.13
C GLU A 266 9.81 0.24 14.81
N SER A 267 10.93 -0.16 14.22
CA SER A 267 10.92 -0.89 12.96
C SER A 267 10.27 -2.27 13.07
N ARG A 268 10.51 -2.96 14.18
CA ARG A 268 9.90 -4.27 14.38
C ARG A 268 8.39 -4.09 14.42
N ASN A 269 7.92 -3.00 15.03
CA ASN A 269 6.48 -2.81 15.07
C ASN A 269 5.91 -2.43 13.70
N VAL A 270 6.65 -1.71 12.88
CA VAL A 270 6.15 -1.37 11.55
C VAL A 270 5.99 -2.69 10.79
N ALA A 271 6.93 -3.60 11.01
CA ALA A 271 6.91 -4.89 10.33
C ALA A 271 5.81 -5.81 10.85
N LYS A 272 5.45 -5.68 12.12
CA LYS A 272 4.40 -6.51 12.70
C LYS A 272 2.99 -6.08 12.27
N ARG A 273 2.86 -4.89 11.69
CA ARG A 273 1.56 -4.41 11.25
C ARG A 273 0.85 -5.46 10.39
N ARG A 274 -0.45 -5.64 10.64
CA ARG A 274 -1.24 -6.64 9.93
C ARG A 274 -2.36 -6.01 9.09
N PHE A 275 -2.68 -6.66 7.98
CA PHE A 275 -3.74 -6.17 7.10
C PHE A 275 -5.05 -6.91 7.35
N GLU A 276 -6.15 -6.17 7.43
CA GLU A 276 -7.47 -6.74 7.64
C GLU A 276 -8.55 -5.93 6.94
N TYR A 277 -9.58 -6.62 6.44
CA TYR A 277 -10.69 -5.95 5.76
C TYR A 277 -11.45 -5.10 6.78
N SER A 278 -11.94 -3.94 6.33
CA SER A 278 -12.66 -3.04 7.22
C SER A 278 -13.76 -3.73 8.01
N LYS A 279 -14.39 -4.71 7.38
CA LYS A 279 -15.48 -5.46 7.99
C LYS A 279 -15.02 -6.17 9.26
N TYR A 280 -13.74 -6.51 9.32
CA TYR A 280 -13.19 -7.22 10.48
C TYR A 280 -12.14 -6.42 11.23
N ARG A 281 -12.13 -5.11 11.03
CA ARG A 281 -11.18 -4.25 11.71
C ARG A 281 -11.48 -4.21 13.20
N PRO A 282 -10.46 -4.08 14.04
CA PRO A 282 -10.71 -4.02 15.48
C PRO A 282 -11.54 -2.78 15.82
N LEU A 283 -12.36 -2.87 16.86
CA LEU A 283 -13.20 -1.74 17.26
C LEU A 283 -12.38 -0.48 17.47
N THR A 284 -11.41 -0.54 18.37
CA THR A 284 -10.55 0.61 18.64
C THR A 284 -9.44 0.66 17.60
N PRO A 285 -9.43 1.72 16.76
CA PRO A 285 -8.41 1.89 15.72
C PRO A 285 -7.01 2.10 16.30
N SER A 286 -6.05 1.32 15.80
CA SER A 286 -4.67 1.41 16.27
C SER A 286 -3.68 1.36 15.11
N SER A 287 -2.40 1.48 15.43
CA SER A 287 -1.35 1.47 14.41
C SER A 287 -0.80 0.06 14.18
N GLU A 288 -1.37 -0.92 14.89
CA GLU A 288 -0.94 -2.31 14.77
C GLU A 288 -1.74 -3.03 13.68
N VAL A 289 -2.87 -2.44 13.30
CA VAL A 289 -3.73 -3.04 12.28
C VAL A 289 -4.17 -2.02 11.23
N TYR A 290 -4.13 -2.42 9.96
CA TYR A 290 -4.56 -1.53 8.89
C TYR A 290 -5.80 -2.07 8.19
N SER A 291 -6.80 -1.20 8.08
CA SER A 291 -8.05 -1.52 7.41
C SER A 291 -8.30 -0.40 6.40
N PRO A 292 -8.84 -0.74 5.22
CA PRO A 292 -9.10 0.27 4.19
C PRO A 292 -9.77 1.54 4.72
N ILE A 293 -9.21 2.69 4.33
CA ILE A 293 -9.71 4.00 4.73
C ILE A 293 -10.36 4.69 3.54
N GLU A 294 -11.49 5.36 3.78
CA GLU A 294 -12.17 6.08 2.71
C GLU A 294 -11.39 7.35 2.40
N LYS A 295 -10.87 7.42 1.18
CA LYS A 295 -10.09 8.56 0.73
C LYS A 295 -11.01 9.71 0.37
N GLU A 296 -12.25 9.65 0.86
CA GLU A 296 -13.22 10.68 0.54
C GLU A 296 -14.25 11.00 1.62
N SER A 297 -15.15 11.92 1.28
CA SER A 297 -16.24 12.39 2.15
C SER A 297 -16.58 11.49 3.35
N PRO A 298 -16.79 12.11 4.52
CA PRO A 298 -17.13 11.39 5.75
C PRO A 298 -18.32 10.45 5.57
N TRP A 299 -18.13 9.18 5.91
CA TRP A 299 -19.18 8.16 5.83
C TRP A 299 -20.55 8.80 5.97
N LYS A 300 -21.40 8.61 4.96
CA LYS A 300 -22.75 9.20 4.95
C LYS A 300 -22.65 10.72 4.86
N ILE A 301 -23.68 11.42 5.33
CA ILE A 301 -23.68 12.88 5.28
C ILE A 301 -22.28 13.41 5.58
N LEU A 302 -21.63 13.92 4.54
CA LEU A 302 -20.28 14.46 4.64
C LEU A 302 -20.24 15.79 5.38
N MET A 303 -19.03 16.16 5.79
CA MET A 303 -18.82 17.42 6.48
C MET A 303 -18.58 18.51 5.43
N TYR A 304 -18.25 18.08 4.22
CA TYR A 304 -18.03 19.02 3.12
C TYR A 304 -19.36 19.65 2.76
N GLN A 305 -20.30 19.54 3.69
CA GLN A 305 -21.65 20.07 3.57
C GLN A 305 -21.81 21.06 2.43
N TYR A 306 -22.17 20.55 1.26
CA TYR A 306 -22.40 21.39 0.09
C TYR A 306 -23.78 21.99 0.36
N ASN A 307 -24.04 22.21 1.65
CA ASN A 307 -25.31 22.74 2.14
C ASN A 307 -26.33 21.60 2.01
N ILE A 308 -25.89 20.42 2.46
CA ILE A 308 -26.68 19.21 2.42
C ILE A 308 -27.95 19.28 3.30
N PRO A 309 -29.13 19.49 2.68
CA PRO A 309 -30.40 19.59 3.39
C PRO A 309 -30.58 18.50 4.46
N PRO A 310 -31.53 18.71 5.40
CA PRO A 310 -31.80 17.75 6.47
C PRO A 310 -32.32 16.41 5.98
N GLU A 311 -33.53 16.44 5.42
CA GLU A 311 -34.22 15.26 4.91
C GLU A 311 -33.46 14.44 3.88
N ARG A 312 -32.37 14.97 3.35
CA ARG A 312 -31.62 14.26 2.33
C ARG A 312 -30.43 13.43 2.77
N GLU A 313 -30.46 12.88 3.99
CA GLU A 313 -29.32 12.07 4.43
C GLU A 313 -29.49 10.58 4.10
N VAL A 314 -30.73 10.14 3.96
CA VAL A 314 -31.01 8.76 3.60
C VAL A 314 -30.54 8.60 2.15
N LEU A 315 -30.84 9.60 1.34
CA LEU A 315 -30.45 9.61 -0.06
C LEU A 315 -28.92 9.53 -0.14
N VAL A 316 -28.26 10.45 0.57
CA VAL A 316 -26.81 10.50 0.62
C VAL A 316 -26.23 9.13 0.95
N ARG A 317 -26.76 8.50 1.99
CA ARG A 317 -26.26 7.18 2.41
C ARG A 317 -26.47 6.10 1.35
N GLU A 318 -27.65 6.05 0.75
CA GLU A 318 -27.91 5.03 -0.28
C GLU A 318 -26.91 5.20 -1.43
N LEU A 319 -26.63 6.45 -1.79
CA LEU A 319 -25.65 6.70 -2.84
C LEU A 319 -24.29 6.15 -2.43
N TYR A 320 -23.90 6.37 -1.18
CA TYR A 320 -22.62 5.86 -0.68
C TYR A 320 -22.58 4.34 -0.77
N GLN A 321 -23.58 3.68 -0.19
CA GLN A 321 -23.60 2.22 -0.21
C GLN A 321 -23.66 1.69 -1.64
N TRP A 322 -24.45 2.35 -2.48
CA TRP A 322 -24.54 1.90 -3.87
C TRP A 322 -23.16 2.01 -4.52
N ARG A 323 -22.51 3.15 -4.33
CA ARG A 323 -21.19 3.37 -4.90
C ARG A 323 -20.20 2.31 -4.46
N ASP A 324 -20.21 1.99 -3.16
CA ASP A 324 -19.30 1.00 -2.61
C ASP A 324 -19.50 -0.40 -3.20
N LEU A 325 -20.76 -0.81 -3.35
CA LEU A 325 -21.05 -2.13 -3.92
C LEU A 325 -20.59 -2.22 -5.37
N ILE A 326 -20.87 -1.17 -6.15
CA ILE A 326 -20.47 -1.14 -7.54
C ILE A 326 -18.92 -1.15 -7.62
N ALA A 327 -18.28 -0.34 -6.80
CA ALA A 327 -16.82 -0.27 -6.78
C ALA A 327 -16.27 -1.67 -6.54
N ARG A 328 -16.82 -2.36 -5.53
CA ARG A 328 -16.40 -3.71 -5.20
C ARG A 328 -16.68 -4.69 -6.33
N ARG A 329 -17.84 -4.54 -6.96
CA ARG A 329 -18.25 -5.43 -8.06
C ARG A 329 -17.32 -5.36 -9.26
N ASP A 330 -17.10 -4.15 -9.78
CA ASP A 330 -16.23 -3.97 -10.93
C ASP A 330 -14.76 -3.78 -10.52
N ASP A 331 -14.49 -3.92 -9.22
CA ASP A 331 -13.14 -3.75 -8.67
C ASP A 331 -12.53 -2.45 -9.14
N GLU A 332 -13.15 -1.36 -8.71
CA GLU A 332 -12.73 -0.01 -9.04
C GLU A 332 -12.71 0.75 -7.72
N SER A 333 -12.22 1.98 -7.75
CA SER A 333 -12.21 2.76 -6.54
C SER A 333 -13.51 3.55 -6.56
N PRO A 334 -14.02 3.93 -5.38
CA PRO A 334 -15.26 4.70 -5.30
C PRO A 334 -15.23 5.99 -6.12
N ARG A 335 -14.11 6.71 -6.12
CA ARG A 335 -14.05 7.96 -6.88
C ARG A 335 -14.11 7.73 -8.39
N PHE A 336 -13.56 6.62 -8.85
CA PHE A 336 -13.63 6.36 -10.28
C PHE A 336 -15.11 6.15 -10.64
N VAL A 337 -15.81 5.37 -9.81
CA VAL A 337 -17.22 5.07 -10.01
C VAL A 337 -18.05 6.35 -9.93
N MET A 338 -17.78 7.16 -8.92
CA MET A 338 -18.49 8.42 -8.71
C MET A 338 -17.81 9.24 -7.61
N PRO A 339 -17.20 10.39 -7.98
CA PRO A 339 -16.54 11.21 -6.96
C PRO A 339 -17.55 12.01 -6.14
N ASN A 340 -17.25 12.15 -4.86
CA ASN A 340 -18.13 12.85 -3.93
C ASN A 340 -18.74 14.11 -4.48
N GLN A 341 -17.98 14.87 -5.25
CA GLN A 341 -18.54 16.10 -5.81
C GLN A 341 -19.74 15.75 -6.68
N LEU A 342 -19.63 14.67 -7.44
CA LEU A 342 -20.73 14.23 -8.31
C LEU A 342 -21.87 13.70 -7.43
N LEU A 343 -21.54 12.86 -6.46
CA LEU A 343 -22.54 12.30 -5.54
C LEU A 343 -23.27 13.48 -4.91
N ALA A 344 -22.50 14.47 -4.46
CA ALA A 344 -23.07 15.66 -3.86
C ALA A 344 -23.97 16.37 -4.88
N ALA A 345 -23.47 16.51 -6.10
CA ALA A 345 -24.23 17.14 -7.16
C ALA A 345 -25.59 16.48 -7.36
N LEU A 346 -25.62 15.14 -7.34
CA LEU A 346 -26.88 14.42 -7.51
C LEU A 346 -27.83 14.78 -6.36
N VAL A 347 -27.31 14.75 -5.14
CA VAL A 347 -28.11 15.06 -3.96
C VAL A 347 -28.63 16.51 -3.98
N ALA A 348 -27.80 17.43 -4.48
CA ALA A 348 -28.18 18.84 -4.54
C ALA A 348 -29.26 19.14 -5.58
N TYR A 349 -29.13 18.54 -6.76
CA TYR A 349 -30.09 18.79 -7.83
C TYR A 349 -31.21 17.75 -7.95
N THR A 350 -30.99 16.58 -7.34
CA THR A 350 -31.95 15.48 -7.36
C THR A 350 -32.66 15.21 -8.70
N PRO A 351 -31.88 14.91 -9.76
CA PRO A 351 -32.48 14.63 -11.07
C PRO A 351 -33.35 13.38 -10.97
N THR A 352 -34.47 13.35 -11.69
CA THR A 352 -35.36 12.21 -11.65
C THR A 352 -35.58 11.45 -12.96
N ASP A 353 -34.75 11.74 -13.96
CA ASP A 353 -34.83 11.04 -15.24
C ASP A 353 -33.41 10.92 -15.79
N VAL A 354 -33.24 10.10 -16.81
CA VAL A 354 -31.93 9.88 -17.41
C VAL A 354 -31.30 11.20 -17.88
N ILE A 355 -32.08 12.02 -18.56
CA ILE A 355 -31.59 13.31 -19.06
C ILE A 355 -31.01 14.15 -17.90
N GLY A 356 -31.75 14.20 -16.79
CA GLY A 356 -31.29 14.97 -15.65
C GLY A 356 -30.00 14.44 -15.05
N VAL A 357 -29.84 13.13 -15.03
CA VAL A 357 -28.65 12.54 -14.45
C VAL A 357 -27.38 12.69 -15.29
N VAL A 358 -27.50 12.56 -16.60
CA VAL A 358 -26.32 12.66 -17.46
C VAL A 358 -25.96 14.08 -17.86
N SER A 359 -26.93 14.99 -17.83
CA SER A 359 -26.65 16.37 -18.20
C SER A 359 -26.34 17.24 -16.98
N LEU A 360 -26.01 16.62 -15.84
CA LEU A 360 -25.68 17.37 -14.63
C LEU A 360 -24.55 18.35 -14.90
N THR A 361 -24.84 19.63 -14.71
CA THR A 361 -23.89 20.71 -14.96
C THR A 361 -22.43 20.36 -14.67
N ASN A 362 -22.23 19.48 -13.68
CA ASN A 362 -20.90 19.05 -13.26
C ASN A 362 -20.20 18.11 -14.23
N GLY A 363 -20.98 17.35 -14.99
CA GLY A 363 -20.39 16.38 -15.90
C GLY A 363 -20.64 15.04 -15.22
N VAL A 364 -20.35 13.93 -15.90
CA VAL A 364 -20.63 12.62 -15.32
C VAL A 364 -19.61 11.53 -15.63
N THR A 365 -19.61 10.49 -14.81
CA THR A 365 -18.71 9.36 -15.00
C THR A 365 -19.36 8.26 -15.82
N GLU A 366 -18.56 7.31 -16.26
CA GLU A 366 -19.06 6.20 -17.04
C GLU A 366 -20.05 5.37 -16.21
N HIS A 367 -19.71 5.10 -14.96
CA HIS A 367 -20.62 4.31 -14.13
C HIS A 367 -21.98 4.99 -13.94
N VAL A 368 -21.98 6.30 -13.71
CA VAL A 368 -23.23 7.04 -13.52
C VAL A 368 -24.06 7.07 -14.80
N ARG A 369 -23.37 7.12 -15.93
CA ARG A 369 -24.00 7.15 -17.25
C ARG A 369 -24.68 5.80 -17.51
N GLN A 370 -23.98 4.73 -17.19
CA GLN A 370 -24.49 3.38 -17.40
C GLN A 370 -25.56 2.93 -16.41
N ASN A 371 -25.74 3.72 -15.35
CA ASN A 371 -26.71 3.40 -14.31
C ASN A 371 -27.65 4.57 -14.09
N ALA A 372 -27.72 5.48 -15.06
CA ALA A 372 -28.54 6.67 -14.98
C ALA A 372 -29.98 6.41 -14.55
N LYS A 373 -30.59 5.37 -15.11
CA LYS A 373 -31.97 5.03 -14.78
C LYS A 373 -32.11 4.56 -13.35
N LEU A 374 -31.20 3.68 -12.93
CA LEU A 374 -31.20 3.17 -11.58
C LEU A 374 -31.06 4.34 -10.58
N LEU A 375 -30.16 5.26 -10.88
CA LEU A 375 -29.92 6.42 -10.02
C LEU A 375 -31.12 7.37 -10.00
N ALA A 376 -31.74 7.56 -11.16
CA ALA A 376 -32.91 8.43 -11.25
C ALA A 376 -34.06 7.81 -10.47
N ASN A 377 -34.09 6.47 -10.42
CA ASN A 377 -35.12 5.75 -9.68
C ASN A 377 -34.82 5.86 -8.19
N LEU A 378 -33.57 5.63 -7.84
CA LEU A 378 -33.14 5.70 -6.44
C LEU A 378 -33.47 7.09 -5.88
N ILE A 379 -33.18 8.12 -6.65
CA ILE A 379 -33.44 9.49 -6.26
C ILE A 379 -34.94 9.80 -6.17
N ARG A 380 -35.69 9.35 -7.17
CA ARG A 380 -37.14 9.58 -7.17
C ARG A 380 -37.76 8.93 -5.94
N ASP A 381 -37.29 7.73 -5.59
CA ASP A 381 -37.80 7.04 -4.41
C ASP A 381 -37.57 7.90 -3.17
N ALA A 382 -36.35 8.42 -3.04
CA ALA A 382 -35.95 9.25 -1.91
C ALA A 382 -36.85 10.47 -1.73
N LEU A 383 -37.19 11.13 -2.83
CA LEU A 383 -38.05 12.29 -2.76
C LEU A 383 -39.45 11.89 -2.30
N ARG A 384 -40.02 10.91 -2.96
CA ARG A 384 -41.35 10.43 -2.64
C ARG A 384 -41.45 10.08 -1.16
N ASN A 385 -40.40 9.45 -0.62
CA ASN A 385 -40.42 9.08 0.78
C ASN A 385 -40.43 10.30 1.70
N ILE A 386 -39.98 11.43 1.16
CA ILE A 386 -39.94 12.69 1.91
C ILE A 386 -41.34 13.31 1.94
N LYS A 387 -41.88 13.62 0.76
CA LYS A 387 -43.21 14.20 0.67
C LYS A 387 -44.22 13.35 1.43
N ASN A 388 -43.90 12.07 1.58
CA ASN A 388 -44.77 11.15 2.31
C ASN A 388 -44.56 11.29 3.81
N THR A 389 -43.77 10.40 4.39
CA THR A 389 -43.49 10.40 5.83
C THR A 389 -44.11 11.58 6.57
N ASN A 390 -43.52 12.76 6.43
CA ASN A 390 -44.04 13.97 7.06
C ASN A 390 -44.33 15.05 6.02
#